data_3JB8
#
_entry.id   3JB8
#
_cell.length_a   1
_cell.length_b   1
_cell.length_c   1
_cell.angle_alpha   90
_cell.angle_beta   90
_cell.angle_gamma   90
#
_symmetry.space_group_name_H-M   'P 1'
#
_entity_poly.entity_id   1
_entity_poly.type   'polypeptide(L)'
_entity_poly.pdbx_seq_one_letter_code
;GTTCSMSEILLAVSATTADQILEIPVCAGIDFPAGTPPRYIGAAKWLAAQSQMWNTIVFNSVRITWETFTADTTSGYISM
AFLSDYMLSLPTGVEDVARIVPSATIALKNRGPSIVMPQNRTAFRCIQAGQFAALGSAADKQMYSPGRFIVAIPKASATQ
AVGQIKISYSVSYRGAAILQPALVP
;
_entity_poly.pdbx_strand_id   A,B,C
#
# COMPACT_ATOMS: atom_id res chain seq x y z
N GLY A 1 0.47 0.64 24.03
CA GLY A 1 0.39 -0.58 23.26
C GLY A 1 0.55 -1.84 24.07
N THR A 2 -0.33 -2.81 23.86
CA THR A 2 -0.34 -4.03 24.64
C THR A 2 -0.58 -5.27 23.78
N THR A 3 -0.13 -6.42 24.28
CA THR A 3 -0.31 -7.69 23.59
C THR A 3 -1.51 -8.47 24.11
N CYS A 4 -2.02 -9.40 23.31
CA CYS A 4 -3.21 -10.15 23.69
C CYS A 4 -3.29 -11.51 23.01
N SER A 5 -4.03 -12.43 23.63
CA SER A 5 -4.19 -13.79 23.12
C SER A 5 -5.51 -14.35 23.63
N MET A 6 -6.29 -14.96 22.73
CA MET A 6 -7.55 -15.57 23.11
C MET A 6 -7.96 -16.68 22.15
N SER A 7 -8.83 -17.56 22.63
CA SER A 7 -9.46 -18.57 21.78
C SER A 7 -10.93 -18.22 21.72
N GLU A 8 -11.48 -18.10 20.52
CA GLU A 8 -12.84 -17.60 20.38
C GLU A 8 -13.60 -18.24 19.23
N ILE A 9 -14.91 -18.40 19.37
CA ILE A 9 -15.75 -18.91 18.26
C ILE A 9 -15.94 -17.92 17.10
N LEU A 10 -15.89 -18.42 15.87
CA LEU A 10 -16.07 -17.60 14.67
C LEU A 10 -17.44 -17.72 13.99
N LEU A 11 -17.90 -18.95 13.80
CA LEU A 11 -19.16 -19.21 13.10
C LEU A 11 -19.77 -20.57 13.49
N ALA A 12 -21.06 -20.74 13.22
CA ALA A 12 -21.73 -22.01 13.49
C ALA A 12 -22.19 -22.61 12.18
N VAL A 13 -21.44 -23.57 11.67
CA VAL A 13 -21.67 -24.14 10.36
C VAL A 13 -23.00 -24.88 10.27
N SER A 14 -23.67 -24.77 9.12
CA SER A 14 -24.96 -25.41 8.92
C SER A 14 -25.06 -26.07 7.56
N ALA A 15 -25.26 -27.38 7.54
CA ALA A 15 -25.44 -28.10 6.29
C ALA A 15 -26.74 -27.67 5.62
N THR A 16 -26.75 -27.62 4.30
CA THR A 16 -27.91 -27.13 3.57
C THR A 16 -27.90 -27.70 2.14
N THR A 17 -29.09 -27.80 1.55
CA THR A 17 -29.25 -28.41 0.23
C THR A 17 -28.52 -27.64 -0.89
N ALA A 18 -28.30 -26.35 -0.68
CA ALA A 18 -27.41 -25.58 -1.55
C ALA A 18 -25.95 -25.79 -1.17
N ASP A 19 -25.03 -25.60 -2.10
CA ASP A 19 -23.61 -25.62 -1.76
C ASP A 19 -23.22 -24.39 -0.96
N GLN A 20 -22.27 -24.57 -0.05
CA GLN A 20 -21.82 -23.49 0.81
C GLN A 20 -20.40 -23.06 0.45
N ILE A 21 -20.26 -21.86 -0.10
CA ILE A 21 -18.93 -21.30 -0.38
C ILE A 21 -18.76 -19.99 0.36
N LEU A 22 -17.90 -20.02 1.38
CA LEU A 22 -17.87 -18.97 2.38
C LEU A 22 -16.48 -18.35 2.50
N GLU A 23 -16.40 -17.06 2.76
CA GLU A 23 -15.09 -16.43 2.94
C GLU A 23 -15.10 -15.44 4.08
N ILE A 24 -14.07 -15.45 4.90
CA ILE A 24 -14.02 -14.53 6.01
C ILE A 24 -12.74 -13.70 5.98
N PRO A 25 -12.84 -12.44 5.56
CA PRO A 25 -11.68 -11.55 5.54
C PRO A 25 -11.14 -11.33 6.92
N VAL A 26 -9.82 -11.20 7.06
CA VAL A 26 -9.22 -11.01 8.36
C VAL A 26 -8.75 -9.55 8.52
N CYS A 27 -9.70 -8.69 8.86
CA CYS A 27 -9.42 -7.29 9.11
C CYS A 27 -8.92 -7.12 10.53
N ALA A 28 -8.45 -5.93 10.84
CA ALA A 28 -8.15 -5.58 12.24
C ALA A 28 -9.42 -5.54 13.08
N GLY A 29 -10.53 -5.14 12.45
CA GLY A 29 -11.82 -5.15 13.10
C GLY A 29 -12.82 -5.94 12.28
N ILE A 30 -13.22 -7.10 12.77
CA ILE A 30 -13.98 -8.01 11.94
C ILE A 30 -15.50 -7.75 12.08
N ASP A 31 -16.28 -8.66 12.67
CA ASP A 31 -17.71 -8.45 12.90
C ASP A 31 -18.54 -8.25 11.61
N PHE A 32 -18.32 -9.12 10.63
CA PHE A 32 -19.19 -9.25 9.48
C PHE A 32 -20.41 -10.09 9.88
N PRO A 33 -21.49 -10.09 9.07
CA PRO A 33 -21.75 -9.60 7.72
C PRO A 33 -22.10 -8.11 7.62
N ALA A 34 -21.09 -7.28 7.43
CA ALA A 34 -21.32 -5.86 7.22
C ALA A 34 -22.08 -5.65 5.92
N GLY A 35 -22.94 -4.65 5.91
CA GLY A 35 -23.68 -4.27 4.72
C GLY A 35 -23.51 -2.79 4.43
N THR A 36 -24.24 -2.27 3.47
CA THR A 36 -25.18 -3.07 2.68
C THR A 36 -24.91 -2.81 1.20
N PRO A 37 -25.17 -3.80 0.33
CA PRO A 37 -25.61 -5.18 0.56
C PRO A 37 -24.62 -6.00 1.39
N PRO A 38 -25.14 -6.91 2.22
CA PRO A 38 -24.32 -7.64 3.18
C PRO A 38 -23.26 -8.50 2.51
N ARG A 39 -22.11 -8.61 3.16
CA ARG A 39 -20.98 -9.33 2.61
C ARG A 39 -20.21 -10.03 3.71
N TYR A 40 -19.65 -11.19 3.40
CA TYR A 40 -18.80 -11.93 4.31
C TYR A 40 -19.60 -12.39 5.52
N ILE A 41 -19.01 -13.24 6.35
CA ILE A 41 -19.66 -13.69 7.60
C ILE A 41 -18.65 -14.07 8.68
N GLY A 42 -19.15 -14.31 9.89
CA GLY A 42 -18.30 -14.64 11.01
C GLY A 42 -17.98 -13.37 11.77
N ALA A 43 -17.68 -13.50 13.04
CA ALA A 43 -17.46 -12.32 13.88
C ALA A 43 -16.82 -12.68 15.21
N ALA A 44 -15.57 -12.30 15.39
CA ALA A 44 -14.93 -12.43 16.68
C ALA A 44 -15.18 -11.17 17.47
N LYS A 45 -16.20 -11.17 18.32
CA LYS A 45 -16.69 -9.94 18.93
C LYS A 45 -15.64 -9.27 19.78
N TRP A 46 -14.78 -10.06 20.41
CA TRP A 46 -13.84 -9.53 21.36
C TRP A 46 -12.79 -8.66 20.69
N LEU A 47 -12.41 -9.09 19.50
CA LEU A 47 -11.31 -8.47 18.79
C LEU A 47 -11.67 -7.12 18.26
N ALA A 48 -12.85 -6.99 17.68
CA ALA A 48 -13.23 -5.70 17.13
C ALA A 48 -13.29 -4.67 18.24
N ALA A 49 -13.75 -5.12 19.41
CA ALA A 49 -13.97 -4.23 20.52
C ALA A 49 -12.66 -3.78 21.10
N GLN A 50 -11.79 -4.75 21.39
CA GLN A 50 -10.49 -4.42 21.95
C GLN A 50 -9.66 -3.59 20.99
N SER A 51 -9.80 -3.85 19.70
CA SER A 51 -9.01 -3.19 18.67
C SER A 51 -9.60 -1.88 18.20
N GLN A 52 -10.80 -1.55 18.67
CA GLN A 52 -11.39 -0.28 18.32
C GLN A 52 -10.78 0.80 19.20
N MET A 53 -9.96 0.35 20.14
CA MET A 53 -9.29 1.21 21.10
C MET A 53 -7.96 1.74 20.61
N TRP A 54 -7.19 0.92 19.89
CA TRP A 54 -5.90 1.39 19.41
C TRP A 54 -5.92 1.91 17.99
N ASN A 55 -4.81 1.70 17.30
CA ASN A 55 -4.57 2.45 16.08
C ASN A 55 -3.70 1.68 15.08
N THR A 56 -3.06 0.61 15.54
CA THR A 56 -2.15 -0.14 14.69
C THR A 56 -1.84 -1.52 15.25
N ILE A 57 -2.22 -2.55 14.50
CA ILE A 57 -2.22 -3.90 15.03
C ILE A 57 -1.39 -4.85 14.21
N VAL A 58 -0.57 -5.62 14.91
CA VAL A 58 0.18 -6.69 14.29
C VAL A 58 -0.27 -8.00 14.90
N PHE A 59 -0.58 -8.97 14.05
CA PHE A 59 -0.97 -10.27 14.54
C PHE A 59 0.21 -11.18 14.38
N ASN A 60 0.69 -11.72 15.50
CA ASN A 60 1.82 -12.58 15.49
C ASN A 60 1.41 -13.94 14.99
N SER A 61 0.19 -14.35 15.37
CA SER A 61 -0.30 -15.65 14.97
C SER A 61 -1.80 -15.71 14.88
N VAL A 62 -2.28 -16.58 14.00
CA VAL A 62 -3.70 -16.87 13.97
C VAL A 62 -3.94 -18.25 13.38
N ARG A 63 -4.93 -18.97 13.95
CA ARG A 63 -5.39 -20.32 13.52
C ARG A 63 -6.93 -20.50 13.45
N ILE A 64 -7.43 -21.38 12.58
CA ILE A 64 -8.87 -21.73 12.45
C ILE A 64 -9.06 -23.25 12.74
N THR A 65 -10.05 -23.66 13.54
CA THR A 65 -10.23 -25.08 13.94
C THR A 65 -11.70 -25.61 13.80
N TRP A 66 -11.92 -26.93 13.72
CA TRP A 66 -13.25 -27.50 13.56
C TRP A 66 -13.70 -28.34 14.74
N GLU A 67 -14.96 -28.19 15.13
CA GLU A 67 -15.49 -28.94 16.27
C GLU A 67 -16.86 -29.53 16.01
N THR A 68 -17.09 -30.74 16.51
CA THR A 68 -18.16 -31.59 15.99
C THR A 68 -19.38 -31.80 16.91
N PHE A 69 -20.53 -31.37 16.40
CA PHE A 69 -21.82 -31.51 17.07
C PHE A 69 -22.49 -32.77 16.51
N THR A 70 -21.99 -33.26 15.39
CA THR A 70 -22.66 -34.32 14.62
C THR A 70 -22.50 -35.74 15.14
N ALA A 71 -23.54 -36.54 14.89
CA ALA A 71 -23.50 -37.99 15.10
C ALA A 71 -22.72 -38.65 13.97
N ASP A 72 -22.24 -39.86 14.21
CA ASP A 72 -21.37 -40.55 13.23
C ASP A 72 -22.06 -40.83 11.90
N THR A 73 -23.39 -40.89 11.93
CA THR A 73 -24.16 -41.26 10.75
C THR A 73 -24.00 -40.31 9.56
N THR A 74 -23.80 -39.02 9.85
CA THR A 74 -23.77 -38.00 8.81
C THR A 74 -22.61 -38.19 7.84
N SER A 75 -22.87 -37.93 6.56
CA SER A 75 -21.81 -37.98 5.56
C SER A 75 -21.55 -36.60 4.99
N GLY A 76 -20.29 -36.23 4.83
CA GLY A 76 -19.94 -34.95 4.23
C GLY A 76 -18.53 -34.49 4.50
N TYR A 77 -18.00 -33.67 3.60
CA TYR A 77 -16.67 -33.15 3.81
C TYR A 77 -16.67 -31.65 3.98
N ILE A 78 -15.56 -31.11 4.45
CA ILE A 78 -15.46 -29.71 4.85
C ILE A 78 -14.08 -29.19 4.53
N SER A 79 -13.96 -28.34 3.53
CA SER A 79 -12.66 -27.85 3.13
C SER A 79 -12.35 -26.49 3.74
N MET A 80 -11.11 -26.29 4.14
CA MET A 80 -10.68 -25.01 4.67
C MET A 80 -9.37 -24.58 4.06
N ALA A 81 -9.23 -23.30 3.75
CA ALA A 81 -8.09 -22.83 2.98
C ALA A 81 -7.86 -21.35 3.19
N PHE A 82 -6.74 -20.83 2.70
CA PHE A 82 -6.41 -19.43 2.99
C PHE A 82 -5.75 -18.68 1.83
N LEU A 83 -6.55 -18.07 0.97
CA LEU A 83 -6.02 -17.17 -0.05
C LEU A 83 -5.36 -15.94 0.55
N SER A 84 -4.23 -15.54 0.00
CA SER A 84 -3.53 -14.35 0.47
C SER A 84 -3.67 -13.17 -0.48
N ASP A 85 -4.53 -13.29 -1.47
CA ASP A 85 -4.67 -12.25 -2.49
C ASP A 85 -6.11 -11.97 -2.80
N TYR A 86 -6.42 -10.70 -3.04
CA TYR A 86 -7.77 -10.27 -3.34
C TYR A 86 -8.04 -10.16 -4.82
N MET A 87 -6.99 -10.09 -5.62
CA MET A 87 -7.20 -9.89 -7.04
C MET A 87 -7.85 -11.13 -7.65
N LEU A 88 -7.59 -12.28 -7.05
CA LEU A 88 -8.15 -13.55 -7.50
C LEU A 88 -9.60 -13.71 -7.12
N SER A 89 -10.33 -14.45 -7.93
CA SER A 89 -11.73 -14.73 -7.67
C SER A 89 -11.88 -15.74 -6.56
N LEU A 90 -13.04 -15.72 -5.89
CA LEU A 90 -13.41 -16.82 -5.02
C LEU A 90 -13.56 -18.03 -5.91
N PRO A 91 -12.88 -19.12 -5.57
CA PRO A 91 -13.06 -20.32 -6.39
C PRO A 91 -14.50 -20.75 -6.37
N THR A 92 -15.03 -21.23 -7.48
CA THR A 92 -16.34 -21.87 -7.44
C THR A 92 -16.11 -23.38 -7.54
N GLY A 93 -16.85 -24.14 -6.73
CA GLY A 93 -16.66 -25.57 -6.70
C GLY A 93 -15.75 -26.02 -5.58
N VAL A 94 -16.32 -26.83 -4.69
CA VAL A 94 -15.57 -27.42 -3.59
C VAL A 94 -14.46 -28.33 -4.11
N GLU A 95 -14.69 -28.88 -5.29
CA GLU A 95 -13.70 -29.68 -5.96
C GLU A 95 -12.49 -28.80 -6.21
N ASP A 96 -12.73 -27.52 -6.38
CA ASP A 96 -11.65 -26.59 -6.67
C ASP A 96 -11.09 -25.95 -5.42
N VAL A 97 -11.86 -25.92 -4.33
CA VAL A 97 -11.26 -25.45 -3.08
C VAL A 97 -10.37 -26.56 -2.54
N ALA A 98 -10.54 -27.76 -3.09
CA ALA A 98 -9.74 -28.90 -2.68
C ALA A 98 -8.26 -28.69 -3.00
N ARG A 99 -7.98 -27.80 -3.95
CA ARG A 99 -6.60 -27.50 -4.28
C ARG A 99 -6.22 -26.14 -3.69
N ILE A 100 -5.20 -26.15 -2.84
CA ILE A 100 -4.65 -24.93 -2.28
C ILE A 100 -3.24 -25.17 -1.76
N VAL A 101 -2.47 -24.10 -1.59
CA VAL A 101 -1.14 -24.20 -1.02
C VAL A 101 -1.26 -24.74 0.40
N PRO A 102 -2.26 -24.24 1.12
CA PRO A 102 -2.66 -24.80 2.42
C PRO A 102 -4.14 -25.19 2.39
N SER A 103 -4.46 -26.43 2.73
CA SER A 103 -5.85 -26.88 2.71
C SER A 103 -6.06 -28.06 3.64
N ALA A 104 -7.31 -28.32 4.00
CA ALA A 104 -7.66 -29.52 4.75
C ALA A 104 -9.09 -29.96 4.47
N THR A 105 -9.36 -31.26 4.65
CA THR A 105 -10.71 -31.79 4.57
C THR A 105 -10.96 -32.72 5.74
N ILE A 106 -11.09 -32.12 6.92
CA ILE A 106 -11.14 -32.84 8.19
C ILE A 106 -12.40 -33.68 8.35
N ALA A 107 -13.40 -33.34 7.56
CA ALA A 107 -14.77 -33.65 7.86
C ALA A 107 -15.12 -35.12 7.96
N LEU A 108 -16.23 -35.41 8.64
CA LEU A 108 -17.03 -34.36 9.27
C LEU A 108 -16.91 -34.34 10.79
N LYS A 109 -16.56 -35.48 11.37
CA LYS A 109 -16.43 -35.59 12.82
C LYS A 109 -15.11 -36.26 13.20
N ASN A 110 -14.01 -35.53 13.02
CA ASN A 110 -12.70 -36.06 13.40
C ASN A 110 -11.80 -34.98 14.01
N ARG A 111 -10.92 -35.42 14.90
CA ARG A 111 -9.91 -34.54 15.46
C ARG A 111 -9.51 -33.49 14.44
N GLY A 112 -8.52 -33.85 13.63
CA GLY A 112 -8.12 -33.03 12.49
C GLY A 112 -7.20 -31.89 12.82
N PRO A 113 -6.14 -31.73 12.02
CA PRO A 113 -5.14 -30.67 12.15
C PRO A 113 -5.72 -29.28 11.96
N SER A 114 -5.19 -28.31 12.69
CA SER A 114 -5.68 -26.94 12.59
C SER A 114 -4.96 -26.16 11.51
N ILE A 115 -5.72 -25.49 10.65
CA ILE A 115 -5.13 -24.61 9.64
C ILE A 115 -4.39 -23.46 10.32
N VAL A 116 -3.26 -23.05 9.77
CA VAL A 116 -2.52 -21.94 10.35
C VAL A 116 -2.01 -20.99 9.28
N MET A 117 -2.18 -19.70 9.50
CA MET A 117 -1.77 -18.67 8.55
C MET A 117 -0.26 -18.57 8.48
N PRO A 118 0.30 -18.49 7.27
CA PRO A 118 1.74 -18.28 7.08
C PRO A 118 2.18 -16.94 7.63
N GLN A 119 3.40 -16.87 8.17
CA GLN A 119 3.81 -15.72 8.95
C GLN A 119 3.82 -14.44 8.13
N ASN A 120 3.41 -13.34 8.76
CA ASN A 120 3.28 -12.06 8.09
C ASN A 120 3.26 -10.91 9.08
N ARG A 121 4.43 -10.58 9.60
CA ARG A 121 4.57 -9.50 10.57
C ARG A 121 4.76 -8.13 9.94
N THR A 122 3.67 -7.41 9.73
CA THR A 122 3.74 -6.06 9.22
C THR A 122 2.54 -5.26 9.72
N ALA A 123 2.75 -3.97 9.96
CA ALA A 123 1.74 -3.15 10.61
C ALA A 123 0.50 -2.95 9.75
N PHE A 124 -0.66 -3.00 10.38
CA PHE A 124 -1.95 -2.95 9.68
C PHE A 124 -2.90 -1.96 10.30
N ARG A 125 -3.09 -0.83 9.64
CA ARG A 125 -3.96 0.22 10.14
C ARG A 125 -5.38 -0.29 10.32
N CYS A 126 -5.89 -0.21 11.56
CA CYS A 126 -7.18 -0.78 11.87
C CYS A 126 -8.38 -0.04 11.27
N ILE A 127 -9.37 -0.78 10.81
CA ILE A 127 -10.62 -0.20 10.32
C ILE A 127 -11.80 -1.01 10.79
N GLN A 128 -12.99 -0.46 10.61
CA GLN A 128 -14.21 -1.14 11.01
C GLN A 128 -14.83 -1.90 9.86
N ALA A 129 -15.76 -2.80 10.17
CA ALA A 129 -16.40 -3.63 9.15
C ALA A 129 -17.24 -2.84 8.15
N GLY A 130 -17.87 -1.76 8.58
CA GLY A 130 -18.66 -0.97 7.65
C GLY A 130 -17.73 -0.26 6.71
N GLN A 131 -16.61 0.18 7.29
CA GLN A 131 -15.56 0.80 6.52
C GLN A 131 -15.14 -0.18 5.46
N PHE A 132 -14.83 -1.40 5.89
CA PHE A 132 -14.25 -2.39 5.00
C PHE A 132 -15.22 -2.86 3.92
N ALA A 133 -16.48 -2.99 4.26
CA ALA A 133 -17.48 -3.35 3.27
C ALA A 133 -17.65 -2.24 2.25
N ALA A 134 -17.43 -1.00 2.68
CA ALA A 134 -17.57 0.13 1.77
C ALA A 134 -16.52 0.18 0.67
N LEU A 135 -15.38 -0.47 0.88
CA LEU A 135 -14.27 -0.44 -0.07
C LEU A 135 -14.62 -1.03 -1.42
N GLY A 136 -14.08 -0.42 -2.49
CA GLY A 136 -14.35 -0.86 -3.84
C GLY A 136 -13.35 -1.85 -4.39
N SER A 137 -12.21 -1.35 -4.86
CA SER A 137 -11.21 -2.19 -5.51
C SER A 137 -10.48 -3.11 -4.53
N ALA A 138 -10.00 -4.22 -5.05
CA ALA A 138 -9.20 -5.15 -4.27
C ALA A 138 -7.88 -4.51 -3.86
N ALA A 139 -7.39 -3.62 -4.71
CA ALA A 139 -6.14 -2.91 -4.45
C ALA A 139 -6.25 -2.06 -3.21
N ASP A 140 -7.46 -1.62 -2.91
CA ASP A 140 -7.72 -0.92 -1.67
C ASP A 140 -7.69 -1.88 -0.50
N LYS A 141 -8.36 -3.01 -0.66
CA LYS A 141 -8.52 -3.97 0.42
C LYS A 141 -7.23 -4.60 0.85
N GLN A 142 -6.25 -4.63 -0.03
CA GLN A 142 -4.99 -5.24 0.34
C GLN A 142 -4.19 -4.36 1.31
N MET A 143 -4.59 -3.10 1.46
CA MET A 143 -3.97 -2.25 2.46
C MET A 143 -4.19 -2.69 3.90
N TYR A 144 -5.31 -3.35 4.16
CA TYR A 144 -5.77 -3.53 5.53
C TYR A 144 -5.80 -4.98 5.98
N SER A 145 -5.74 -5.91 5.03
CA SER A 145 -5.89 -7.32 5.36
C SER A 145 -4.83 -8.21 4.75
N PRO A 146 -4.33 -9.18 5.54
CA PRO A 146 -3.45 -10.27 5.10
C PRO A 146 -4.07 -11.14 4.03
N GLY A 147 -5.38 -11.31 4.07
CA GLY A 147 -6.04 -12.14 3.07
C GLY A 147 -7.20 -12.95 3.60
N ARG A 148 -8.17 -13.16 2.71
CA ARG A 148 -9.43 -13.82 3.03
C ARG A 148 -9.25 -15.27 3.41
N PHE A 149 -10.09 -15.76 4.32
CA PHE A 149 -9.92 -17.07 4.87
C PHE A 149 -11.11 -17.90 4.39
N ILE A 150 -10.93 -18.78 3.42
CA ILE A 150 -12.09 -19.39 2.78
C ILE A 150 -12.42 -20.77 3.32
N VAL A 151 -13.72 -21.06 3.45
CA VAL A 151 -14.23 -22.34 3.96
C VAL A 151 -15.40 -22.80 3.09
N ALA A 152 -15.50 -24.10 2.81
CA ALA A 152 -16.57 -24.57 1.93
C ALA A 152 -17.07 -25.97 2.20
N ILE A 153 -18.39 -26.16 2.09
CA ILE A 153 -18.96 -27.50 2.24
C ILE A 153 -20.01 -27.80 1.16
N PRO A 154 -20.03 -29.04 0.67
CA PRO A 154 -20.93 -29.57 -0.36
C PRO A 154 -22.33 -29.74 0.14
N LYS A 155 -23.30 -29.80 -0.76
CA LYS A 155 -24.70 -29.88 -0.37
C LYS A 155 -25.08 -31.22 0.26
N ALA A 156 -26.11 -31.17 1.10
CA ALA A 156 -26.64 -32.36 1.76
C ALA A 156 -28.16 -32.39 1.61
N SER A 157 -28.75 -33.55 1.84
CA SER A 157 -30.17 -33.76 1.57
C SER A 157 -31.12 -32.92 2.43
N ALA A 158 -30.71 -32.57 3.64
CA ALA A 158 -31.57 -31.81 4.54
C ALA A 158 -30.78 -30.95 5.52
N THR A 159 -31.30 -29.76 5.80
CA THR A 159 -30.61 -28.79 6.65
C THR A 159 -30.48 -29.23 8.09
N GLN A 160 -29.33 -28.93 8.71
CA GLN A 160 -29.04 -29.40 10.06
C GLN A 160 -27.82 -28.70 10.62
N ALA A 161 -27.75 -28.56 11.95
CA ALA A 161 -26.56 -28.04 12.61
C ALA A 161 -25.44 -29.07 12.64
N VAL A 162 -24.20 -28.62 12.61
CA VAL A 162 -23.08 -29.54 12.57
C VAL A 162 -21.87 -29.15 13.43
N GLY A 163 -21.69 -27.87 13.74
CA GLY A 163 -20.64 -27.49 14.67
C GLY A 163 -19.88 -26.20 14.41
N GLN A 164 -19.38 -25.60 15.48
CA GLN A 164 -18.67 -24.33 15.39
C GLN A 164 -17.26 -24.45 14.85
N ILE A 165 -16.79 -23.35 14.28
CA ILE A 165 -15.42 -23.20 13.84
C ILE A 165 -14.78 -22.17 14.77
N LYS A 166 -13.49 -22.30 15.06
CA LYS A 166 -12.95 -21.58 16.22
C LYS A 166 -11.59 -20.97 16.07
N ILE A 167 -11.55 -19.66 15.92
CA ILE A 167 -10.30 -18.93 15.70
C ILE A 167 -9.51 -18.80 17.00
N SER A 168 -8.20 -18.72 16.86
CA SER A 168 -7.31 -18.47 17.99
C SER A 168 -6.21 -17.56 17.50
N TYR A 169 -5.67 -16.72 18.37
CA TYR A 169 -4.71 -15.73 17.90
C TYR A 169 -3.86 -15.07 18.96
N SER A 170 -2.71 -14.58 18.52
CA SER A 170 -1.90 -13.68 19.34
C SER A 170 -1.65 -12.45 18.51
N VAL A 171 -1.90 -11.30 19.11
CA VAL A 171 -1.95 -10.04 18.38
C VAL A 171 -1.34 -8.96 19.26
N SER A 172 -0.79 -7.91 18.66
CA SER A 172 -0.06 -6.93 19.43
C SER A 172 -0.29 -5.49 18.98
N TYR A 173 -0.83 -4.68 19.88
CA TYR A 173 -1.28 -3.34 19.57
C TYR A 173 -0.26 -2.25 19.84
N ARG A 174 -0.44 -1.11 19.19
CA ARG A 174 0.31 0.09 19.50
C ARG A 174 -0.55 1.33 19.22
N GLY A 175 -0.28 2.42 19.93
CA GLY A 175 -0.88 3.70 19.61
C GLY A 175 -2.33 3.78 20.03
N ALA A 176 -2.63 4.51 21.10
CA ALA A 176 -3.98 4.57 21.64
C ALA A 176 -4.72 5.83 21.25
N ALA A 177 -5.93 5.67 20.73
CA ALA A 177 -6.79 6.77 20.34
C ALA A 177 -8.20 6.27 20.08
N ILE A 178 -9.19 7.11 20.37
CA ILE A 178 -10.59 6.71 20.21
C ILE A 178 -11.45 7.78 19.55
N LEU A 179 -11.58 7.66 18.22
CA LEU A 179 -12.25 8.69 17.44
C LEU A 179 -13.28 8.11 16.48
N GLN A 180 -14.16 8.98 16.01
CA GLN A 180 -15.20 8.60 15.07
C GLN A 180 -14.64 8.29 13.69
N PRO A 181 -15.09 7.17 13.09
CA PRO A 181 -14.65 6.75 11.76
C PRO A 181 -15.03 7.71 10.64
N ALA A 182 -14.16 7.83 9.64
CA ALA A 182 -14.45 8.63 8.46
C ALA A 182 -15.44 7.92 7.55
N LEU A 183 -16.22 8.69 6.80
CA LEU A 183 -17.27 8.12 5.97
C LEU A 183 -16.81 7.79 4.56
N VAL A 184 -16.43 6.53 4.34
CA VAL A 184 -16.05 6.07 3.02
C VAL A 184 -17.25 5.98 2.11
N PRO A 185 -17.16 6.58 0.91
CA PRO A 185 -18.22 6.41 -0.07
C PRO A 185 -18.36 4.94 -0.44
N GLY B 1 21.82 9.33 -3.64
CA GLY B 1 21.07 9.46 -2.41
C GLY B 1 21.87 10.04 -1.25
N THR B 2 21.30 11.01 -0.56
CA THR B 2 21.99 11.70 0.51
C THR B 2 21.10 11.93 1.73
N THR B 3 21.72 12.10 2.89
CA THR B 3 21.02 12.36 4.14
C THR B 3 20.97 13.85 4.47
N CYS B 4 20.03 14.24 5.32
CA CYS B 4 19.85 15.65 5.65
C CYS B 4 19.19 15.86 7.02
N SER B 5 19.44 17.02 7.61
CA SER B 5 18.89 17.37 8.92
C SER B 5 18.78 18.89 9.02
N MET B 6 17.64 19.37 9.50
CA MET B 6 17.44 20.80 9.68
C MET B 6 16.38 21.10 10.74
N SER B 7 16.43 22.30 11.28
CA SER B 7 15.39 22.80 12.17
C SER B 7 14.71 23.94 11.44
N GLU B 8 13.39 23.89 11.32
CA GLU B 8 12.69 24.85 10.48
C GLU B 8 11.32 25.22 11.02
N ILE B 9 10.88 26.46 10.80
CA ILE B 9 9.52 26.88 11.18
C ILE B 9 8.39 26.27 10.32
N LEU B 10 7.30 25.87 10.98
CA LEU B 10 6.15 25.28 10.29
C LEU B 10 4.95 26.22 10.10
N LEU B 11 4.57 26.93 11.18
CA LEU B 11 3.40 27.80 11.15
C LEU B 11 3.47 28.89 12.23
N ALA B 12 2.68 29.95 12.06
CA ALA B 12 2.64 31.02 13.05
C ALA B 12 1.25 31.06 13.65
N VAL B 13 1.09 30.50 14.85
CA VAL B 13 -0.20 30.34 15.49
C VAL B 13 -0.85 31.67 15.83
N SER B 14 -2.17 31.74 15.68
CA SER B 14 -2.90 32.96 15.96
C SER B 14 -4.18 32.70 16.73
N ALA B 15 -4.30 33.25 17.93
CA ALA B 15 -5.51 33.13 18.72
C ALA B 15 -6.66 33.84 18.02
N THR B 16 -7.86 33.29 18.14
CA THR B 16 -9.02 33.83 17.44
C THR B 16 -10.31 33.43 18.16
N THR B 17 -11.35 34.23 18.00
CA THR B 17 -12.63 34.01 18.69
C THR B 17 -13.30 32.70 18.31
N ALA B 18 -13.02 32.20 17.12
CA ALA B 18 -13.43 30.85 16.73
C ALA B 18 -12.45 29.81 17.29
N ASP B 19 -12.91 28.57 17.48
CA ASP B 19 -11.98 27.50 17.86
C ASP B 19 -11.09 27.12 16.70
N GLN B 20 -9.86 26.73 17.02
CA GLN B 20 -8.89 26.37 16.00
C GLN B 20 -8.59 24.86 16.03
N ILE B 21 -9.03 24.15 15.00
CA ILE B 21 -8.72 22.72 14.87
C ILE B 21 -7.94 22.48 13.59
N LEU B 22 -6.66 22.17 13.72
CA LEU B 22 -5.74 22.23 12.60
C LEU B 22 -5.03 20.90 12.39
N GLU B 23 -4.75 20.54 11.15
CA GLU B 23 -4.03 19.30 10.89
C GLU B 23 -3.00 19.46 9.81
N ILE B 24 -1.81 18.92 10.01
CA ILE B 24 -0.79 19.05 9.00
C ILE B 24 -0.25 17.68 8.57
N PRO B 25 -0.67 17.22 7.39
CA PRO B 25 -0.19 15.94 6.88
C PRO B 25 1.30 15.97 6.64
N VAL B 26 1.98 14.86 6.87
CA VAL B 26 3.41 14.81 6.69
C VAL B 26 3.77 14.03 5.42
N CYS B 27 3.69 14.72 4.29
CA CYS B 27 4.04 14.17 3.00
C CYS B 27 5.53 14.26 2.81
N ALA B 28 6.04 13.62 1.76
CA ALA B 28 7.41 13.83 1.35
C ALA B 28 7.64 15.25 0.85
N GLY B 29 6.61 15.82 0.24
CA GLY B 29 6.64 17.21 -0.19
C GLY B 29 5.47 17.96 0.38
N ILE B 30 5.73 18.86 1.32
CA ILE B 30 4.64 19.46 2.08
C ILE B 30 4.13 20.74 1.38
N ASP B 31 4.32 21.92 1.96
CA ASP B 31 3.91 23.20 1.34
C ASP B 31 2.40 23.32 1.07
N PHE B 32 1.61 22.99 2.08
CA PHE B 32 0.18 23.32 2.10
C PHE B 32 0.02 24.78 2.51
N PRO B 33 -1.17 25.38 2.32
CA PRO B 33 -2.50 24.90 1.94
C PRO B 33 -2.73 24.71 0.45
N ALA B 34 -2.47 23.51 -0.04
CA ALA B 34 -2.75 23.18 -1.43
C ALA B 34 -4.24 23.24 -1.69
N GLY B 35 -4.61 23.68 -2.88
CA GLY B 35 -6.00 23.71 -3.30
C GLY B 35 -6.16 23.00 -4.62
N THR B 36 -7.36 23.08 -5.21
CA THR B 36 -8.47 23.80 -4.61
C THR B 36 -9.69 22.88 -4.60
N PRO B 37 -10.60 23.05 -3.62
CA PRO B 37 -10.59 23.95 -2.46
C PRO B 37 -9.44 23.69 -1.50
N PRO B 38 -8.90 24.75 -0.89
CA PRO B 38 -7.68 24.66 -0.07
C PRO B 38 -7.85 23.74 1.12
N ARG B 39 -6.77 23.04 1.46
CA ARG B 39 -6.79 22.06 2.54
C ARG B 39 -5.47 22.07 3.27
N TYR B 40 -5.52 21.81 4.58
CA TYR B 40 -4.33 21.68 5.41
C TYR B 40 -3.59 23.00 5.48
N ILE B 41 -2.59 23.10 6.34
CA ILE B 41 -1.75 24.29 6.44
C ILE B 41 -0.34 23.99 6.95
N GLY B 42 0.52 24.98 6.89
CA GLY B 42 1.91 24.81 7.29
C GLY B 42 2.74 24.45 6.08
N ALA B 43 4.03 24.75 6.14
CA ALA B 43 4.88 24.56 4.97
C ALA B 43 6.35 24.65 5.32
N ALA B 44 7.05 23.53 5.29
CA ALA B 44 8.50 23.56 5.44
C ALA B 44 9.12 23.72 4.06
N LYS B 45 9.43 24.94 3.68
CA LYS B 45 9.79 25.23 2.29
C LYS B 45 11.02 24.47 1.84
N TRP B 46 11.94 24.23 2.75
CA TRP B 46 13.21 23.65 2.39
C TRP B 46 13.05 22.22 1.94
N LEU B 47 12.14 21.53 2.60
CA LEU B 47 11.97 20.10 2.41
C LEU B 47 11.35 19.78 1.09
N ALA B 48 10.32 20.52 0.70
CA ALA B 48 9.67 20.23 -0.56
C ALA B 48 10.66 20.44 -1.69
N ALA B 49 11.51 21.44 -1.54
CA ALA B 49 12.44 21.81 -2.59
C ALA B 49 13.53 20.77 -2.72
N GLN B 50 14.15 20.44 -1.60
CA GLN B 50 15.21 19.46 -1.61
C GLN B 50 14.71 18.09 -2.05
N SER B 51 13.48 17.77 -1.68
CA SER B 51 12.90 16.47 -1.97
C SER B 51 12.22 16.39 -3.32
N GLN B 52 12.15 17.50 -4.02
CA GLN B 52 11.57 17.48 -5.35
C GLN B 52 12.64 17.00 -6.32
N MET B 53 13.83 16.81 -5.78
CA MET B 53 15.00 16.36 -6.53
C MET B 53 15.13 14.86 -6.60
N TRP B 54 14.80 14.15 -5.53
CA TRP B 54 14.92 12.70 -5.55
C TRP B 54 13.64 11.97 -5.87
N ASN B 55 13.48 10.80 -5.29
CA ASN B 55 12.49 9.87 -5.77
C ASN B 55 11.95 8.94 -4.68
N THR B 56 12.63 8.90 -3.55
CA THR B 56 12.25 8.01 -2.47
C THR B 56 12.87 8.40 -1.15
N ILE B 57 12.03 8.72 -0.18
CA ILE B 57 12.50 9.35 1.05
C ILE B 57 12.10 8.59 2.29
N VAL B 58 13.08 8.41 3.17
CA VAL B 58 12.83 7.83 4.46
C VAL B 58 13.18 8.87 5.51
N PHE B 59 12.27 9.09 6.44
CA PHE B 59 12.53 10.02 7.51
C PHE B 59 12.89 9.21 8.75
N ASN B 60 14.10 9.42 9.25
CA ASN B 60 14.57 8.70 10.39
C ASN B 60 13.93 9.28 11.62
N SER B 61 13.76 10.58 11.63
CA SER B 61 13.18 11.26 12.79
C SER B 61 12.45 12.52 12.44
N VAL B 62 11.45 12.85 13.23
CA VAL B 62 10.81 14.14 13.12
C VAL B 62 10.16 14.53 14.44
N ARG B 63 10.25 15.83 14.79
CA ARG B 63 9.66 16.45 16.00
C ARG B 63 8.93 17.82 15.74
N ILE B 64 7.91 18.15 16.56
CA ILE B 64 7.18 19.45 16.50
C ILE B 64 7.35 20.18 17.86
N THR B 65 7.65 21.50 17.87
CA THR B 65 7.93 22.25 19.13
C THR B 65 7.16 23.62 19.24
N TRP B 66 7.00 24.17 20.45
CA TRP B 66 6.27 25.42 20.64
C TRP B 66 7.15 26.54 21.16
N GLU B 67 6.96 27.75 20.63
CA GLU B 67 7.76 28.90 21.05
C GLU B 67 6.93 30.15 21.26
N THR B 68 7.28 30.91 22.29
CA THR B 68 6.36 31.89 22.87
C THR B 68 6.65 33.36 22.61
N PHE B 69 5.71 34.03 21.95
CA PHE B 69 5.76 35.45 21.65
C PHE B 69 4.96 36.19 22.73
N THR B 70 4.15 35.44 23.47
CA THR B 70 3.16 36.02 24.39
C THR B 70 3.68 36.54 25.72
N ALA B 71 3.02 37.57 26.22
CA ALA B 71 3.22 38.06 27.58
C ALA B 71 2.51 37.14 28.58
N ASP B 72 2.92 37.18 29.84
CA ASP B 72 2.42 36.25 30.85
C ASP B 72 0.91 36.39 31.09
N THR B 73 0.37 37.55 30.78
CA THR B 73 -1.02 37.85 31.06
C THR B 73 -2.03 36.94 30.34
N THR B 74 -1.67 36.50 29.13
CA THR B 74 -2.59 35.73 28.29
C THR B 74 -2.98 34.39 28.91
N SER B 75 -4.24 34.01 28.77
CA SER B 75 -4.69 32.71 29.22
C SER B 75 -5.09 31.83 28.05
N GLY B 76 -4.68 30.57 28.07
CA GLY B 76 -5.07 29.64 27.03
C GLY B 76 -4.22 28.39 26.95
N TYR B 77 -4.80 27.32 26.42
CA TYR B 77 -4.04 26.10 26.28
C TYR B 77 -3.88 25.71 24.82
N ILE B 78 -2.97 24.79 24.56
CA ILE B 78 -2.56 24.43 23.20
C ILE B 78 -2.25 22.96 23.13
N SER B 79 -3.11 22.19 22.47
CA SER B 79 -2.91 20.76 22.42
C SER B 79 -2.22 20.33 21.14
N MET B 80 -1.32 19.36 21.25
CA MET B 80 -0.65 18.83 20.08
C MET B 80 -0.64 17.31 20.11
N ALA B 81 -0.85 16.68 18.97
CA ALA B 81 -1.04 15.24 18.94
C ALA B 81 -0.76 14.67 17.56
N PHE B 82 -0.71 13.36 17.43
CA PHE B 82 -0.31 12.76 16.16
C PHE B 82 -1.06 11.49 15.77
N LEU B 83 -2.18 11.65 15.06
CA LEU B 83 -2.87 10.50 14.49
C LEU B 83 -2.03 9.80 13.44
N SER B 84 -2.05 8.48 13.44
CA SER B 84 -1.32 7.70 12.44
C SER B 84 -2.22 7.08 11.38
N ASP B 85 -3.49 7.45 11.38
CA ASP B 85 -4.45 6.83 10.48
C ASP B 85 -5.36 7.87 9.85
N TYR B 86 -5.68 7.64 8.59
CA TYR B 86 -6.53 8.55 7.84
C TYR B 86 -7.98 8.15 7.84
N MET B 87 -8.26 6.90 8.17
CA MET B 87 -9.63 6.45 8.09
C MET B 87 -10.48 7.13 9.17
N LEU B 88 -9.83 7.49 10.26
CA LEU B 88 -10.49 8.17 11.37
C LEU B 88 -10.76 9.62 11.06
N SER B 89 -11.82 10.15 11.67
CA SER B 89 -12.18 11.55 11.52
C SER B 89 -11.24 12.45 12.30
N LEU B 90 -11.13 13.70 11.87
CA LEU B 90 -10.52 14.71 12.72
C LEU B 90 -11.39 14.85 13.93
N PRO B 91 -10.80 14.74 15.12
CA PRO B 91 -11.64 14.92 16.31
C PRO B 91 -12.22 16.30 16.32
N THR B 92 -13.46 16.45 16.77
CA THR B 92 -13.98 17.78 17.01
C THR B 92 -14.00 18.01 18.52
N GLY B 93 -13.58 19.20 18.94
CA GLY B 93 -13.49 19.48 20.36
C GLY B 93 -12.08 19.30 20.90
N VAL B 94 -11.53 20.40 21.41
CA VAL B 94 -10.22 20.39 22.03
C VAL B 94 -10.23 19.49 23.27
N GLU B 95 -11.40 19.38 23.88
CA GLU B 95 -11.58 18.49 25.00
C GLU B 95 -11.29 17.08 24.53
N ASP B 96 -11.54 16.83 23.26
CA ASP B 96 -11.33 15.50 22.71
C ASP B 96 -9.94 15.33 22.10
N VAL B 97 -9.29 16.42 21.72
CA VAL B 97 -7.91 16.29 21.29
C VAL B 97 -7.05 16.08 22.54
N ALA B 98 -7.63 16.36 23.70
CA ALA B 98 -6.92 16.19 24.96
C ALA B 98 -6.57 14.72 25.20
N ARG B 99 -7.31 13.82 24.56
CA ARG B 99 -7.01 12.42 24.69
C ARG B 99 -6.31 11.90 23.44
N ILE B 100 -5.10 11.38 23.62
CA ILE B 100 -4.35 10.76 22.54
C ILE B 100 -3.28 9.83 23.10
N VAL B 101 -2.79 8.92 22.27
CA VAL B 101 -1.70 8.03 22.68
C VAL B 101 -0.48 8.89 22.96
N PRO B 102 -0.26 9.89 22.12
CA PRO B 102 0.73 10.94 22.39
C PRO B 102 0.09 12.32 22.35
N SER B 103 0.24 13.10 23.41
CA SER B 103 -0.37 14.42 23.44
C SER B 103 0.37 15.35 24.40
N ALA B 104 0.16 16.66 24.26
CA ALA B 104 0.68 17.63 25.20
C ALA B 104 -0.18 18.88 25.27
N THR B 105 -0.15 19.57 26.40
CA THR B 105 -0.80 20.86 26.55
C THR B 105 0.15 21.85 27.21
N ILE B 106 1.15 22.26 26.46
CA ILE B 106 2.28 23.04 26.97
C ILE B 106 1.87 24.44 27.41
N ALA B 107 0.75 24.87 26.90
CA ALA B 107 0.42 26.28 26.77
C ALA B 107 0.36 27.06 28.06
N LEU B 108 0.50 28.38 27.95
CA LEU B 108 0.74 29.00 26.65
C LEU B 108 2.15 29.53 26.47
N LYS B 109 2.82 29.82 27.58
CA LYS B 109 4.18 30.32 27.55
C LYS B 109 5.09 29.55 28.50
N ASN B 110 5.40 28.30 28.14
CA ASN B 110 6.30 27.49 28.96
C ASN B 110 7.24 26.64 28.11
N ARG B 111 8.42 26.38 28.66
CA ARG B 111 9.36 25.47 28.03
C ARG B 111 8.62 24.40 27.28
N GLY B 112 8.31 23.31 27.99
CA GLY B 112 7.46 22.26 27.47
C GLY B 112 8.15 21.24 26.59
N PRO B 113 7.90 19.96 26.83
CA PRO B 113 8.44 18.84 26.09
C PRO B 113 8.03 18.83 24.63
N SER B 114 8.92 18.38 23.76
CA SER B 114 8.64 18.34 22.34
C SER B 114 7.96 17.04 21.94
N ILE B 115 6.88 17.14 21.18
CA ILE B 115 6.23 15.95 20.62
C ILE B 115 7.16 15.25 19.65
N VAL B 116 7.14 13.93 19.64
CA VAL B 116 8.00 13.19 18.73
C VAL B 116 7.25 12.02 18.10
N MET B 117 7.39 11.87 16.79
CA MET B 117 6.71 10.81 16.05
C MET B 117 7.31 9.45 16.38
N PRO B 118 6.45 8.46 16.61
CA PRO B 118 6.88 7.07 16.83
C PRO B 118 7.58 6.51 15.61
N GLN B 119 8.59 5.67 15.82
CA GLN B 119 9.48 5.27 14.73
C GLN B 119 8.74 4.54 13.62
N ASN B 120 9.15 4.81 12.39
CA ASN B 120 8.50 4.27 11.20
C ASN B 120 9.40 4.33 9.98
N ARG B 121 10.38 3.44 9.92
CA ARG B 121 11.32 3.39 8.82
C ARG B 121 10.84 2.55 7.65
N THR B 122 10.19 3.19 6.69
CA THR B 122 9.77 2.51 5.47
C THR B 122 9.72 3.50 4.33
N ALA B 123 10.03 3.02 3.13
CA ALA B 123 10.19 3.91 1.98
C ALA B 123 8.88 4.56 1.55
N PHE B 124 8.95 5.84 1.21
CA PHE B 124 7.78 6.64 0.88
C PHE B 124 7.94 7.41 -0.40
N ARG B 125 7.28 6.96 -1.46
CA ARG B 125 7.36 7.59 -2.77
C ARG B 125 6.92 9.05 -2.69
N CYS B 126 7.81 9.96 -3.05
CA CYS B 126 7.54 11.38 -2.91
C CYS B 126 6.49 11.94 -3.88
N ILE B 127 5.65 12.83 -3.40
CA ILE B 127 4.68 13.53 -4.24
C ILE B 127 4.59 14.98 -3.85
N GLN B 128 3.92 15.76 -4.68
CA GLN B 128 3.76 17.19 -4.42
C GLN B 128 2.45 17.48 -3.73
N ALA B 129 2.32 18.68 -3.16
CA ALA B 129 1.12 19.06 -2.44
C ALA B 129 -0.14 19.14 -3.29
N GLY B 130 -0.01 19.54 -4.55
CA GLY B 130 -1.18 19.59 -5.40
C GLY B 130 -1.61 18.18 -5.72
N GLN B 131 -0.62 17.33 -5.89
CA GLN B 131 -0.86 15.92 -6.10
C GLN B 131 -1.64 15.41 -4.92
N PHE B 132 -1.14 15.71 -3.72
CA PHE B 132 -1.70 15.14 -2.50
C PHE B 132 -3.09 15.67 -2.19
N ALA B 133 -3.33 16.94 -2.46
CA ALA B 133 -4.66 17.50 -2.26
C ALA B 133 -5.64 16.90 -3.25
N ALA B 134 -5.14 16.50 -4.42
CA ALA B 134 -6.01 15.92 -5.43
C ALA B 134 -6.56 14.54 -5.05
N LEU B 135 -5.89 13.85 -4.13
CA LEU B 135 -6.28 12.49 -3.74
C LEU B 135 -7.66 12.42 -3.11
N GLY B 136 -8.38 11.34 -3.40
CA GLY B 136 -9.73 11.15 -2.90
C GLY B 136 -9.80 10.36 -1.61
N SER B 137 -9.74 9.04 -1.70
CA SER B 137 -9.89 8.17 -0.55
C SER B 137 -8.72 8.22 0.41
N ALA B 138 -8.99 7.94 1.67
CA ALA B 138 -7.94 7.84 2.68
C ALA B 138 -7.01 6.68 2.39
N ALA B 139 -7.55 5.64 1.77
CA ALA B 139 -6.79 4.46 1.43
C ALA B 139 -5.70 4.81 0.43
N ASP B 140 -5.95 5.83 -0.38
CA ASP B 140 -4.93 6.35 -1.26
C ASP B 140 -3.87 7.08 -0.48
N LYS B 141 -4.32 7.96 0.43
CA LYS B 141 -3.41 8.82 1.16
C LYS B 141 -2.47 8.08 2.06
N GLN B 142 -2.85 6.88 2.49
CA GLN B 142 -1.97 6.13 3.36
C GLN B 142 -0.76 5.58 2.62
N MET B 143 -0.78 5.60 1.31
CA MET B 143 0.39 5.21 0.54
C MET B 143 1.60 6.12 0.72
N TYR B 144 1.35 7.39 1.00
CA TYR B 144 2.39 8.41 0.88
C TYR B 144 2.77 9.07 2.19
N SER B 145 1.93 8.90 3.21
CA SER B 145 2.16 9.59 4.47
C SER B 145 2.06 8.71 5.71
N PRO B 146 2.97 8.90 6.67
CA PRO B 146 2.94 8.30 8.00
C PRO B 146 1.70 8.65 8.78
N GLY B 147 1.17 9.84 8.58
CA GLY B 147 0.00 10.25 9.31
C GLY B 147 -0.05 11.71 9.69
N ARG B 148 -1.26 12.25 9.72
CA ARG B 148 -1.51 13.67 9.97
C ARG B 148 -1.10 14.10 11.37
N PHE B 149 -0.65 15.35 11.47
CA PHE B 149 -0.08 15.85 12.71
C PHE B 149 -1.03 16.92 13.22
N ILE B 150 -1.84 16.62 14.22
CA ILE B 150 -2.91 17.55 14.56
C ILE B 150 -2.58 18.49 15.73
N VAL B 151 -3.02 19.73 15.62
CA VAL B 151 -2.79 20.76 16.64
C VAL B 151 -4.07 21.57 16.86
N ALA B 152 -4.38 21.93 18.09
CA ALA B 152 -5.64 22.64 18.35
C ALA B 152 -5.62 23.60 19.52
N ILE B 153 -6.27 24.76 19.35
CA ILE B 153 -6.40 25.71 20.45
C ILE B 153 -7.83 26.27 20.57
N PRO B 154 -8.29 26.45 21.82
CA PRO B 154 -9.60 26.97 22.20
C PRO B 154 -9.75 28.44 21.90
N LYS B 155 -10.99 28.91 21.80
CA LYS B 155 -11.22 30.30 21.44
C LYS B 155 -10.84 31.30 22.53
N ALA B 156 -10.51 32.51 22.10
CA ALA B 156 -10.15 33.60 22.99
C ALA B 156 -10.94 34.85 22.63
N SER B 157 -10.98 35.81 23.54
CA SER B 157 -11.84 36.99 23.37
C SER B 157 -11.46 37.90 22.20
N ALA B 158 -10.19 37.93 21.83
CA ALA B 158 -9.74 38.82 20.75
C ALA B 158 -8.51 38.27 20.04
N THR B 159 -8.46 38.47 18.72
CA THR B 159 -7.39 37.92 17.89
C THR B 159 -6.04 38.54 18.17
N GLN B 160 -4.99 37.72 18.13
CA GLN B 160 -3.65 38.15 18.48
C GLN B 160 -2.61 37.12 18.08
N ALA B 161 -1.39 37.56 17.82
CA ALA B 161 -0.27 36.64 17.57
C ALA B 161 0.22 36.02 18.85
N VAL B 162 0.72 34.80 18.78
CA VAL B 162 1.17 34.10 19.98
C VAL B 162 2.46 33.28 19.83
N GLY B 163 2.83 32.87 18.62
CA GLY B 163 4.12 32.23 18.43
C GLY B 163 4.22 31.08 17.46
N GLN B 164 5.41 30.90 16.89
CA GLN B 164 5.65 29.87 15.88
C GLN B 164 5.75 28.48 16.45
N ILE B 165 5.44 27.51 15.61
CA ILE B 165 5.64 26.10 15.91
C ILE B 165 6.76 25.61 15.00
N LYS B 166 7.57 24.66 15.43
CA LYS B 166 8.85 24.46 14.75
C LYS B 166 9.31 23.03 14.56
N ILE B 167 9.20 22.53 13.35
CA ILE B 167 9.54 21.16 13.04
C ILE B 167 11.04 20.96 12.96
N SER B 168 11.49 19.76 13.27
CA SER B 168 12.88 19.37 13.14
C SER B 168 12.92 17.95 12.64
N TYR B 169 13.94 17.59 11.88
CA TYR B 169 13.93 16.27 11.28
C TYR B 169 15.25 15.77 10.74
N SER B 170 15.37 14.45 10.66
CA SER B 170 16.45 13.82 9.92
C SER B 170 15.82 12.88 8.93
N VAL B 171 16.26 13.00 7.68
CA VAL B 171 15.59 12.36 6.55
C VAL B 171 16.66 11.86 5.59
N SER B 172 16.35 10.82 4.83
CA SER B 172 17.37 10.22 3.99
C SER B 172 16.87 9.79 2.62
N TYR B 173 17.47 10.38 1.58
CA TYR B 173 17.00 10.23 0.21
C TYR B 173 17.69 9.13 -0.57
N ARG B 174 17.03 8.67 -1.63
CA ARG B 174 17.64 7.78 -2.60
C ARG B 174 17.03 8.03 -3.98
N GLY B 175 17.81 7.76 -5.03
CA GLY B 175 17.27 7.76 -6.39
C GLY B 175 17.02 9.17 -6.91
N ALA B 176 17.87 9.62 -7.82
CA ALA B 176 17.78 11.00 -8.32
C ALA B 176 17.13 11.09 -9.68
N ALA B 177 16.13 11.96 -9.80
CA ALA B 177 15.42 12.21 -11.04
C ALA B 177 14.59 13.46 -10.94
N ILE B 178 14.43 14.18 -12.04
CA ILE B 178 13.69 15.45 -12.04
C ILE B 178 12.72 15.58 -13.21
N LEU B 179 11.47 15.20 -12.96
CA LEU B 179 10.48 15.13 -14.02
C LEU B 179 9.18 15.80 -13.65
N GLN B 180 8.38 16.10 -14.67
CA GLN B 180 7.08 16.73 -14.48
C GLN B 180 6.07 15.79 -13.85
N PRO B 181 5.33 16.26 -12.84
CA PRO B 181 4.31 15.47 -12.15
C PRO B 181 3.14 15.04 -13.03
N ALA B 182 2.61 13.86 -12.79
CA ALA B 182 1.42 13.37 -13.48
C ALA B 182 0.18 14.07 -12.96
N GLY C 1 6.54 -22.92 -2.69
CA GLY C 1 7.30 -21.80 -3.21
C GLY C 1 8.67 -22.17 -3.73
N THR C 2 9.02 -21.67 -4.92
CA THR C 2 10.27 -22.02 -5.57
C THR C 2 10.95 -20.82 -6.20
N THR C 3 12.27 -20.92 -6.38
CA THR C 3 13.07 -19.87 -7.00
C THR C 3 13.31 -20.12 -8.48
N CYS C 4 13.63 -19.07 -9.23
CA CYS C 4 13.82 -19.20 -10.67
C CYS C 4 14.75 -18.13 -11.25
N SER C 5 15.36 -18.43 -12.39
CA SER C 5 16.27 -17.53 -13.06
C SER C 5 16.27 -17.83 -14.54
N MET C 6 16.18 -16.79 -15.37
CA MET C 6 16.22 -16.98 -16.82
C MET C 6 16.69 -15.72 -17.55
N SER C 7 17.17 -15.89 -18.77
CA SER C 7 17.48 -14.77 -19.64
C SER C 7 16.50 -14.84 -20.80
N GLU C 8 15.80 -13.74 -21.05
CA GLU C 8 14.71 -13.78 -22.02
C GLU C 8 14.57 -12.49 -22.82
N ILE C 9 14.15 -12.58 -24.07
CA ILE C 9 13.88 -11.37 -24.89
C ILE C 9 12.62 -10.59 -24.46
N LEU C 10 12.72 -9.26 -24.47
CA LEU C 10 11.61 -8.38 -24.09
C LEU C 10 10.89 -7.71 -25.26
N LEU C 11 11.66 -7.14 -26.19
CA LEU C 11 11.10 -6.41 -27.33
C LEU C 11 12.06 -6.36 -28.51
N ALA C 12 11.54 -6.05 -29.70
CA ALA C 12 12.38 -5.92 -30.88
C ALA C 12 12.29 -4.49 -31.38
N VAL C 13 13.30 -3.69 -31.06
CA VAL C 13 13.30 -2.26 -31.34
C VAL C 13 13.29 -1.95 -32.83
N SER C 14 12.57 -0.91 -33.21
CA SER C 14 12.44 -0.52 -34.61
C SER C 14 12.58 0.98 -34.80
N ALA C 15 13.58 1.41 -35.55
CA ALA C 15 13.75 2.82 -35.85
C ALA C 15 12.60 3.30 -36.73
N THR C 16 12.18 4.55 -36.53
CA THR C 16 11.02 5.08 -37.23
C THR C 16 11.10 6.60 -37.28
N THR C 17 10.48 7.20 -38.30
CA THR C 17 10.53 8.65 -38.52
C THR C 17 9.91 9.45 -37.38
N ALA C 18 8.98 8.86 -36.66
CA ALA C 18 8.50 9.45 -35.40
C ALA C 18 9.46 9.16 -34.25
N ASP C 19 9.45 10.00 -33.22
CA ASP C 19 10.23 9.68 -32.02
C ASP C 19 9.60 8.54 -31.24
N GLN C 20 10.44 7.73 -30.60
CA GLN C 20 9.98 6.58 -29.85
C GLN C 20 10.17 6.79 -28.35
N ILE C 21 9.07 6.95 -27.62
CA ILE C 21 9.13 7.05 -26.16
C ILE C 21 8.33 5.93 -25.53
N LEU C 22 9.03 4.98 -24.93
CA LEU C 22 8.44 3.69 -24.58
C LEU C 22 8.61 3.39 -23.09
N GLU C 23 7.62 2.74 -22.48
CA GLU C 23 7.75 2.38 -21.07
C GLU C 23 7.24 0.99 -20.81
N ILE C 24 7.95 0.22 -20.01
CA ILE C 24 7.51 -1.12 -19.72
C ILE C 24 7.40 -1.35 -18.22
N PRO C 25 6.17 -1.35 -17.69
CA PRO C 25 5.95 -1.59 -16.27
C PRO C 25 6.41 -2.98 -15.88
N VAL C 26 6.95 -3.14 -14.68
CA VAL C 26 7.42 -4.43 -14.24
C VAL C 26 6.46 -5.04 -13.21
N CYS C 27 5.40 -5.65 -13.72
CA CYS C 27 4.42 -6.32 -12.89
C CYS C 27 4.91 -7.72 -12.58
N ALA C 28 4.22 -8.39 -11.67
CA ALA C 28 4.46 -9.82 -11.46
C ALA C 28 4.08 -10.63 -12.68
N GLY C 29 3.06 -10.18 -13.40
CA GLY C 29 2.65 -10.80 -14.64
C GLY C 29 2.63 -9.78 -15.75
N ILE C 30 3.56 -9.88 -16.68
CA ILE C 30 3.74 -8.81 -17.65
C ILE C 30 2.85 -9.04 -18.90
N ASP C 31 3.42 -9.31 -20.07
CA ASP C 31 2.66 -9.61 -21.29
C ASP C 31 1.74 -8.45 -21.76
N PHE C 32 2.29 -7.26 -21.81
CA PHE C 32 1.67 -6.12 -22.48
C PHE C 32 1.93 -6.24 -23.98
N PRO C 33 1.21 -5.48 -24.83
CA PRO C 33 0.28 -4.36 -24.65
C PRO C 33 -1.14 -4.74 -24.30
N ALA C 34 -1.43 -4.80 -23.01
CA ALA C 34 -2.80 -5.05 -22.56
C ALA C 34 -3.69 -3.90 -22.96
N GLY C 35 -4.93 -4.22 -23.29
CA GLY C 35 -5.92 -3.20 -23.61
C GLY C 35 -7.17 -3.41 -22.76
N THR C 36 -8.23 -2.66 -23.06
CA THR C 36 -8.21 -1.66 -24.12
C THR C 36 -8.73 -0.34 -23.57
N PRO C 37 -8.26 0.79 -24.11
CA PRO C 37 -7.23 1.01 -25.15
C PRO C 37 -5.85 0.50 -24.73
N PRO C 38 -5.09 -0.02 -25.71
CA PRO C 38 -3.82 -0.68 -25.44
C PRO C 38 -2.80 0.23 -24.78
N ARG C 39 -2.00 -0.34 -23.89
CA ARG C 39 -1.02 0.41 -23.14
C ARG C 39 0.23 -0.42 -22.92
N TYR C 40 1.37 0.26 -22.89
CA TYR C 40 2.65 -0.37 -22.59
C TYR C 40 3.01 -1.38 -23.67
N ILE C 41 4.23 -1.90 -23.63
CA ILE C 41 4.66 -2.94 -24.57
C ILE C 41 5.76 -3.83 -24.00
N GLY C 42 6.06 -4.90 -24.72
CA GLY C 42 7.05 -5.86 -24.26
C GLY C 42 6.35 -6.98 -23.53
N ALA C 43 6.96 -8.15 -23.49
CA ALA C 43 6.31 -9.31 -22.90
C ALA C 43 7.27 -10.45 -22.68
N ALA C 44 7.59 -10.73 -21.42
CA ALA C 44 8.37 -11.92 -21.09
C ALA C 44 7.40 -13.08 -20.87
N LYS C 45 7.17 -13.87 -21.90
CA LYS C 45 6.09 -14.85 -21.87
C LYS C 45 6.25 -15.86 -20.77
N TRP C 46 7.49 -16.20 -20.44
CA TRP C 46 7.74 -17.26 -19.50
C TRP C 46 7.30 -16.89 -18.11
N LEU C 47 7.50 -15.63 -17.79
CA LEU C 47 7.29 -15.14 -16.44
C LEU C 47 5.83 -15.07 -16.08
N ALA C 48 5.02 -14.57 -17.00
CA ALA C 48 3.60 -14.45 -16.69
C ALA C 48 3.03 -15.84 -16.46
N ALA C 49 3.53 -16.80 -17.22
CA ALA C 49 2.99 -18.14 -17.17
C ALA C 49 3.39 -18.82 -15.89
N GLN C 50 4.68 -18.79 -15.59
CA GLN C 50 5.16 -19.41 -14.37
C GLN C 50 4.57 -18.76 -13.14
N SER C 51 4.37 -17.46 -13.20
CA SER C 51 3.88 -16.68 -12.06
C SER C 51 2.37 -16.65 -11.95
N GLN C 52 1.68 -17.22 -12.93
CA GLN C 52 0.24 -17.28 -12.84
C GLN C 52 -0.14 -18.45 -11.96
N MET C 53 0.88 -19.19 -11.56
CA MET C 53 0.74 -20.38 -10.72
C MET C 53 0.76 -20.07 -9.24
N TRP C 54 1.60 -19.13 -8.82
CA TRP C 54 1.66 -18.80 -7.40
C TRP C 54 0.82 -17.63 -6.97
N ASN C 55 1.31 -16.90 -5.98
CA ASN C 55 0.45 -15.97 -5.29
C ASN C 55 1.20 -14.78 -4.71
N THR C 56 2.53 -14.86 -4.67
CA THR C 56 3.35 -13.82 -4.08
C THR C 56 4.81 -13.92 -4.49
N ILE C 57 5.28 -12.88 -5.17
CA ILE C 57 6.57 -12.96 -5.84
C ILE C 57 7.52 -11.87 -5.40
N VAL C 58 8.74 -12.28 -5.12
CA VAL C 58 9.81 -11.35 -4.83
C VAL C 58 10.88 -11.53 -5.88
N PHE C 59 11.30 -10.42 -6.47
CA PHE C 59 12.35 -10.47 -7.46
C PHE C 59 13.63 -10.02 -6.78
N ASN C 60 14.61 -10.91 -6.76
CA ASN C 60 15.87 -10.62 -6.13
C ASN C 60 16.67 -9.72 -7.02
N SER C 61 16.56 -9.96 -8.32
CA SER C 61 17.32 -9.18 -9.28
C SER C 61 16.66 -9.08 -10.63
N VAL C 62 16.92 -7.98 -11.32
CA VAL C 62 16.50 -7.86 -12.69
C VAL C 62 17.38 -6.88 -13.44
N ARG C 63 17.69 -7.19 -14.71
CA ARG C 63 18.50 -6.36 -15.64
C ARG C 63 17.91 -6.25 -17.09
N ILE C 64 18.18 -5.14 -17.79
CA ILE C 64 17.77 -4.92 -19.21
C ILE C 64 19.05 -4.71 -20.08
N THR C 65 19.15 -5.35 -21.25
CA THR C 65 20.38 -5.30 -22.10
C THR C 65 20.11 -5.00 -23.61
N TRP C 66 21.10 -4.50 -24.37
CA TRP C 66 20.91 -4.18 -25.78
C TRP C 66 21.75 -5.04 -26.71
N GLU C 67 21.17 -5.47 -27.83
CA GLU C 67 21.87 -6.32 -28.78
C GLU C 67 21.66 -5.89 -30.23
N THR C 68 22.72 -5.97 -31.02
CA THR C 68 22.79 -5.24 -32.28
C THR C 68 22.66 -6.04 -33.57
N PHE C 69 21.62 -5.71 -34.34
CA PHE C 69 21.36 -6.30 -35.65
C PHE C 69 21.93 -5.38 -36.72
N THR C 70 22.27 -4.15 -36.32
CA THR C 70 22.62 -3.10 -37.27
C THR C 70 24.04 -3.14 -37.84
N ALA C 71 24.17 -2.66 -39.07
CA ALA C 71 25.45 -2.40 -39.69
C ALA C 71 26.05 -1.12 -39.15
N ASP C 72 27.36 -0.95 -39.28
CA ASP C 72 28.06 0.18 -38.67
C ASP C 72 27.60 1.54 -39.22
N THR C 73 27.05 1.53 -40.43
CA THR C 73 26.68 2.76 -41.11
C THR C 73 25.60 3.58 -40.39
N THR C 74 24.70 2.90 -39.69
CA THR C 74 23.56 3.56 -39.06
C THR C 74 23.96 4.55 -37.98
N SER C 75 23.29 5.69 -37.92
CA SER C 75 23.52 6.66 -36.87
C SER C 75 22.31 6.76 -35.95
N GLY C 76 22.55 6.80 -34.64
CA GLY C 76 21.47 6.98 -33.69
C GLY C 76 21.80 6.58 -32.28
N TYR C 77 21.10 7.17 -31.31
CA TYR C 77 21.33 6.83 -29.94
C TYR C 77 20.11 6.20 -29.30
N ILE C 78 20.31 5.58 -28.15
CA ILE C 78 19.29 4.76 -27.49
C ILE C 78 19.40 4.91 -26.00
N SER C 79 18.45 5.60 -25.39
CA SER C 79 18.53 5.83 -23.96
C SER C 79 17.70 4.83 -23.17
N MET C 80 18.21 4.39 -22.04
CA MET C 80 17.48 3.48 -21.18
C MET C 80 17.56 3.94 -19.73
N ALA C 81 16.46 3.83 -19.01
CA ALA C 81 16.37 4.41 -17.68
C ALA C 81 15.28 3.75 -16.85
N PHE C 82 15.22 4.06 -15.56
CA PHE C 82 14.28 3.35 -14.69
C PHE C 82 13.62 4.21 -13.61
N LEU C 83 12.49 4.83 -13.94
CA LEU C 83 11.70 5.51 -12.92
C LEU C 83 11.14 4.56 -11.89
N SER C 84 11.17 4.98 -10.63
CA SER C 84 10.63 4.16 -9.56
C SER C 84 9.30 4.67 -9.03
N ASP C 85 8.72 5.66 -9.71
CA ASP C 85 7.50 6.29 -9.22
C ASP C 85 6.50 6.48 -10.34
N TYR C 86 5.23 6.30 -10.03
CA TYR C 86 4.16 6.44 -11.00
C TYR C 86 3.53 7.81 -10.99
N MET C 87 3.72 8.55 -9.92
CA MET C 87 3.05 9.83 -9.81
C MET C 87 3.62 10.80 -10.84
N LEU C 88 4.88 10.61 -11.19
CA LEU C 88 5.57 11.43 -12.19
C LEU C 88 5.13 11.10 -13.60
N SER C 89 5.20 12.10 -14.47
CA SER C 89 4.86 11.94 -15.86
C SER C 89 5.96 11.20 -16.60
N LEU C 90 5.59 10.54 -17.70
CA LEU C 90 6.59 10.07 -18.64
C LEU C 90 7.28 11.29 -19.18
N PRO C 91 8.62 11.33 -19.11
CA PRO C 91 9.31 12.49 -19.67
C PRO C 91 9.01 12.58 -21.15
N THR C 92 8.86 13.79 -21.68
CA THR C 92 8.82 13.93 -23.12
C THR C 92 10.15 14.51 -23.57
N GLY C 93 10.68 13.98 -24.67
CA GLY C 93 11.98 14.41 -25.13
C GLY C 93 13.10 13.49 -24.69
N VAL C 94 13.78 12.90 -25.67
CA VAL C 94 14.91 12.05 -25.42
C VAL C 94 16.05 12.83 -24.75
N GLU C 95 16.07 14.12 -25.04
CA GLU C 95 17.01 15.01 -24.41
C GLU C 95 16.76 15.00 -22.92
N ASP C 96 15.51 14.74 -22.54
CA ASP C 96 15.14 14.74 -21.14
C ASP C 96 15.23 13.34 -20.53
N VAL C 97 15.16 12.30 -21.35
CA VAL C 97 15.39 10.96 -20.79
C VAL C 97 16.89 10.82 -20.57
N ALA C 98 17.66 11.72 -21.17
CA ALA C 98 19.12 11.69 -21.01
C ALA C 98 19.52 11.93 -19.57
N ARG C 99 18.64 12.56 -18.80
CA ARG C 99 18.92 12.78 -17.39
C ARG C 99 18.13 11.81 -16.54
N ILE C 100 18.84 11.01 -15.75
CA ILE C 100 18.23 10.10 -14.80
C ILE C 100 19.24 9.69 -13.73
N VAL C 101 18.73 9.19 -12.61
CA VAL C 101 19.59 8.69 -11.54
C VAL C 101 20.39 7.51 -12.09
N PRO C 102 19.71 6.66 -12.86
CA PRO C 102 20.36 5.62 -13.64
C PRO C 102 20.01 5.75 -15.12
N SER C 103 21.00 5.81 -16.00
CA SER C 103 20.73 5.97 -17.42
C SER C 103 21.90 5.46 -18.26
N ALA C 104 21.63 5.19 -19.54
CA ALA C 104 22.69 4.85 -20.48
C ALA C 104 22.34 5.24 -21.91
N THR C 105 23.35 5.49 -22.73
CA THR C 105 23.15 5.72 -24.16
C THR C 105 24.15 4.90 -24.95
N ILE C 106 23.92 3.59 -24.97
CA ILE C 106 24.86 2.61 -25.51
C ILE C 106 25.03 2.73 -27.01
N ALA C 107 24.06 3.35 -27.63
CA ALA C 107 23.77 3.16 -29.04
C ALA C 107 24.88 3.53 -30.01
N LEU C 108 24.80 2.96 -31.21
CA LEU C 108 23.73 2.03 -31.54
C LEU C 108 24.20 0.57 -31.65
N LYS C 109 25.49 0.39 -31.92
CA LYS C 109 26.05 -0.95 -32.05
C LYS C 109 27.32 -1.09 -31.23
N ASN C 110 27.17 -1.15 -29.91
CA ASN C 110 28.32 -1.32 -29.03
C ASN C 110 28.01 -2.23 -27.85
N ARG C 111 29.03 -2.94 -27.38
CA ARG C 111 28.92 -3.75 -26.18
C ARG C 111 27.93 -3.10 -25.22
N GLY C 112 28.46 -2.21 -24.38
CA GLY C 112 27.63 -1.38 -23.51
C GLY C 112 27.20 -2.06 -22.23
N PRO C 113 27.32 -1.34 -21.11
CA PRO C 113 26.92 -1.79 -19.78
C PRO C 113 25.44 -2.05 -19.66
N SER C 114 25.07 -3.04 -18.87
CA SER C 114 23.67 -3.38 -18.68
C SER C 114 23.04 -2.60 -17.54
N ILE C 115 21.87 -2.00 -17.80
CA ILE C 115 21.11 -1.33 -16.76
C ILE C 115 20.69 -2.33 -15.70
N VAL C 116 20.70 -1.92 -14.43
CA VAL C 116 20.28 -2.83 -13.37
C VAL C 116 19.41 -2.10 -12.34
N MET C 117 18.31 -2.72 -11.97
CA MET C 117 17.37 -2.14 -11.02
C MET C 117 17.97 -2.10 -9.62
N PRO C 118 17.81 -0.97 -8.92
CA PRO C 118 18.23 -0.83 -7.53
C PRO C 118 17.47 -1.78 -6.62
N GLN C 119 18.12 -2.31 -5.60
CA GLN C 119 17.56 -3.41 -4.83
C GLN C 119 16.25 -3.03 -4.15
N ASN C 120 15.33 -3.98 -4.11
CA ASN C 120 14.00 -3.75 -3.57
C ASN C 120 13.29 -5.06 -3.22
N ARG C 121 13.70 -5.65 -2.10
CA ARG C 121 13.14 -6.91 -1.65
C ARG C 121 11.90 -6.74 -0.78
N THR C 122 10.73 -6.78 -1.41
CA THR C 122 9.47 -6.72 -0.69
C THR C 122 8.40 -7.46 -1.47
N ALA C 123 7.48 -8.09 -0.75
CA ALA C 123 6.50 -8.97 -1.37
C ALA C 123 5.52 -8.23 -2.27
N PHE C 124 5.22 -8.81 -3.42
CA PHE C 124 4.38 -8.18 -4.43
C PHE C 124 3.28 -9.09 -4.92
N ARG C 125 2.06 -8.82 -4.51
CA ARG C 125 0.91 -9.63 -4.89
C ARG C 125 0.74 -9.66 -6.39
N CYS C 126 0.79 -10.84 -6.99
CA CYS C 126 0.77 -10.98 -8.44
C CYS C 126 -0.59 -10.65 -9.07
N ILE C 127 -0.55 -9.99 -10.23
CA ILE C 127 -1.75 -9.72 -11.01
C ILE C 127 -1.48 -9.91 -12.48
N GLN C 128 -2.54 -9.93 -13.28
CA GLN C 128 -2.42 -10.11 -14.70
C GLN C 128 -2.38 -8.77 -15.43
N ALA C 129 -1.97 -8.79 -16.70
CA ALA C 129 -1.86 -7.57 -17.48
C ALA C 129 -3.20 -6.87 -17.74
N GLY C 130 -4.27 -7.63 -17.90
CA GLY C 130 -5.55 -7.00 -18.12
C GLY C 130 -6.00 -6.33 -16.84
N GLN C 131 -5.68 -7.00 -15.73
CA GLN C 131 -5.95 -6.47 -14.43
C GLN C 131 -5.22 -5.15 -14.33
N PHE C 132 -3.94 -5.16 -14.66
CA PHE C 132 -3.09 -4.01 -14.46
C PHE C 132 -3.44 -2.84 -15.36
N ALA C 133 -3.82 -3.13 -16.59
CA ALA C 133 -4.27 -2.07 -17.50
C ALA C 133 -5.56 -1.48 -17.02
N ALA C 134 -6.38 -2.27 -16.33
CA ALA C 134 -7.65 -1.77 -15.84
C ALA C 134 -7.53 -0.72 -14.73
N LEU C 135 -6.39 -0.71 -14.05
CA LEU C 135 -6.18 0.19 -12.91
C LEU C 135 -6.22 1.66 -13.28
N GLY C 136 -6.79 2.47 -12.40
CA GLY C 136 -6.94 3.90 -12.64
C GLY C 136 -5.79 4.74 -12.11
N SER C 137 -5.82 5.03 -10.81
CA SER C 137 -4.83 5.92 -10.20
C SER C 137 -3.45 5.29 -10.09
N ALA C 138 -2.43 6.13 -10.08
CA ALA C 138 -1.07 5.70 -9.89
C ALA C 138 -0.88 5.11 -8.49
N ALA C 139 -1.65 5.64 -7.55
CA ALA C 139 -1.59 5.19 -6.16
C ALA C 139 -2.00 3.74 -6.06
N ASP C 140 -2.86 3.31 -6.99
CA ASP C 140 -3.22 1.90 -7.07
C ASP C 140 -2.05 1.11 -7.63
N LYS C 141 -1.46 1.60 -8.71
CA LYS C 141 -0.43 0.88 -9.42
C LYS C 141 0.83 0.68 -8.61
N GLN C 142 1.06 1.54 -7.64
CA GLN C 142 2.26 1.38 -6.82
C GLN C 142 2.16 0.19 -5.87
N MET C 143 0.96 -0.35 -5.70
CA MET C 143 0.80 -1.56 -4.90
C MET C 143 1.49 -2.79 -5.50
N TYR C 144 1.60 -2.83 -6.82
CA TYR C 144 1.93 -4.09 -7.50
C TYR C 144 3.26 -4.05 -8.23
N SER C 145 3.80 -2.87 -8.45
CA SER C 145 5.01 -2.73 -9.24
C SER C 145 6.08 -1.86 -8.62
N PRO C 146 7.35 -2.30 -8.71
CA PRO C 146 8.55 -1.54 -8.35
C PRO C 146 8.68 -0.25 -9.12
N GLY C 147 8.23 -0.23 -10.36
CA GLY C 147 8.35 0.96 -11.17
C GLY C 147 8.64 0.72 -12.63
N ARG C 148 8.12 1.61 -13.46
CA ARG C 148 8.18 1.51 -14.92
C ARG C 148 9.61 1.61 -15.44
N PHE C 149 9.87 0.90 -16.53
CA PHE C 149 11.21 0.79 -17.04
C PHE C 149 11.23 1.49 -18.39
N ILE C 150 11.78 2.69 -18.47
CA ILE C 150 11.58 3.49 -19.69
C ILE C 150 12.74 3.40 -20.67
N VAL C 151 12.42 3.37 -21.96
CA VAL C 151 13.40 3.30 -23.04
C VAL C 151 13.01 4.24 -24.17
N ALA C 152 13.97 4.93 -24.79
CA ALA C 152 13.62 5.90 -25.82
C ALA C 152 14.65 6.09 -26.92
N ILE C 153 14.18 6.23 -28.15
CA ILE C 153 15.08 6.51 -29.27
C ILE C 153 14.54 7.63 -30.18
N PRO C 154 15.44 8.49 -30.67
CA PRO C 154 15.18 9.63 -31.56
C PRO C 154 14.82 9.19 -32.96
N LYS C 155 14.16 10.05 -33.71
CA LYS C 155 13.70 9.71 -35.04
C LYS C 155 14.83 9.54 -36.06
N ALA C 156 14.55 8.71 -37.07
CA ALA C 156 15.49 8.44 -38.16
C ALA C 156 14.77 8.60 -39.50
N SER C 157 15.55 8.74 -40.57
CA SER C 157 14.99 9.05 -41.88
C SER C 157 14.09 7.96 -42.47
N ALA C 158 14.33 6.70 -42.12
CA ALA C 158 13.55 5.61 -42.68
C ALA C 158 13.47 4.40 -41.73
N THR C 159 12.30 3.77 -41.71
CA THR C 159 12.04 2.66 -40.78
C THR C 159 12.89 1.42 -41.07
N GLN C 160 13.34 0.76 -40.01
CA GLN C 160 14.25 -0.36 -40.14
C GLN C 160 14.39 -1.12 -38.83
N ALA C 161 14.67 -2.42 -38.89
CA ALA C 161 14.97 -3.20 -37.70
C ALA C 161 16.37 -2.90 -37.17
N VAL C 162 16.55 -3.01 -35.86
CA VAL C 162 17.84 -2.67 -35.26
C VAL C 162 18.31 -3.60 -34.14
N GLY C 163 17.39 -4.30 -33.47
CA GLY C 163 17.82 -5.29 -32.49
C GLY C 163 17.01 -5.44 -31.22
N GLN C 164 17.04 -6.65 -30.65
CA GLN C 164 16.27 -6.96 -29.46
C GLN C 164 16.87 -6.40 -28.19
N ILE C 165 16.00 -6.19 -27.21
CA ILE C 165 16.39 -5.83 -25.86
C ILE C 165 16.08 -7.03 -24.96
N LYS C 166 16.86 -7.26 -23.92
CA LYS C 166 16.83 -8.57 -23.30
C LYS C 166 16.91 -8.62 -21.78
N ILE C 167 15.77 -8.89 -21.15
CA ILE C 167 15.67 -8.91 -19.71
C ILE C 167 16.30 -10.17 -19.12
N SER C 168 16.80 -10.06 -17.90
CA SER C 168 17.32 -11.19 -17.16
C SER C 168 16.93 -11.01 -15.72
N TYR C 169 16.71 -12.09 -14.98
CA TYR C 169 16.18 -11.96 -13.64
C TYR C 169 16.32 -13.16 -12.74
N SER C 170 16.32 -12.90 -11.45
CA SER C 170 16.16 -13.95 -10.46
C SER C 170 15.01 -13.55 -9.58
N VAL C 171 14.09 -14.49 -9.38
CA VAL C 171 12.80 -14.19 -8.76
C VAL C 171 12.43 -15.36 -7.87
N SER C 172 11.64 -15.12 -6.84
CA SER C 172 11.36 -16.17 -5.86
C SER C 172 9.91 -16.18 -5.38
N TYR C 173 9.24 -17.30 -5.63
CA TYR C 173 7.81 -17.43 -5.39
C TYR C 173 7.45 -18.03 -4.04
N ARG C 174 6.21 -17.77 -3.62
CA ARG C 174 5.64 -18.44 -2.46
C ARG C 174 4.13 -18.57 -2.64
N GLY C 175 3.54 -19.60 -2.03
CA GLY C 175 2.09 -19.69 -1.96
C GLY C 175 1.48 -20.12 -3.27
N ALA C 176 1.03 -21.38 -3.36
CA ALA C 176 0.51 -21.91 -4.61
C ALA C 176 -1.00 -21.95 -4.66
N ALA C 177 -1.57 -21.40 -5.73
CA ALA C 177 -3.01 -21.39 -5.95
C ALA C 177 -3.31 -21.00 -7.38
N ILE C 178 -4.38 -21.55 -7.94
CA ILE C 178 -4.74 -21.29 -9.34
C ILE C 178 -6.23 -21.00 -9.53
N LEU C 179 -6.56 -19.72 -9.51
CA LEU C 179 -7.95 -19.28 -9.55
C LEU C 179 -8.22 -18.21 -10.58
N GLN C 180 -9.49 -18.04 -10.92
CA GLN C 180 -9.91 -17.04 -11.88
C GLN C 180 -9.79 -15.62 -11.33
N PRO C 181 -9.22 -14.71 -12.13
CA PRO C 181 -9.05 -13.31 -11.74
C PRO C 181 -10.34 -12.55 -11.51
N ALA C 182 -10.33 -11.64 -10.54
CA ALA C 182 -11.48 -10.77 -10.27
C ALA C 182 -11.58 -9.69 -11.34
N LEU C 183 -12.80 -9.23 -11.59
CA LEU C 183 -13.05 -8.26 -12.66
C LEU C 183 -12.95 -6.82 -12.20
#